data_8HP8
#
_entry.id   8HP8
#
_cell.length_a   83.700
_cell.length_b   125.042
_cell.length_c   69.237
_cell.angle_alpha   90.00
_cell.angle_beta   114.74
_cell.angle_gamma   90.00
#
_symmetry.space_group_name_H-M   'C 1 2 1'
#
loop_
_entity.id
_entity.type
_entity.pdbx_description
1 polymer 'Endolysin mtEC340M'
2 water water
#
_entity_poly.entity_id   1
_entity_poly.type   'polypeptide(L)'
_entity_poly.pdbx_seq_one_letter_code
;VSRNISNNGIKFTAAFEGFRGTAYRATPNEKYLTIGYGSYGPHVEPGKTITPGQGLLLLNRDMAKAVAAVDAVAHHSLTQ
SQFDAVCDLVYNAGAGVIAAATGTGKALRSGDVATLRAKLALFINQNGKPLLGLRRRTAGRLALFDGKPWQEAEAIGRAV
K
;
_entity_poly.pdbx_strand_id   A,B,C
#
# COMPACT_ATOMS: atom_id res chain seq x y z
N VAL A 1 8.88 20.36 30.03
CA VAL A 1 9.21 19.05 30.62
C VAL A 1 8.74 17.92 29.70
N SER A 2 9.61 16.94 29.49
CA SER A 2 9.28 15.80 28.66
C SER A 2 8.51 14.76 29.47
N ARG A 3 7.54 14.11 28.84
CA ARG A 3 6.58 13.27 29.52
C ARG A 3 6.83 11.80 29.21
N ASN A 4 6.32 10.93 30.08
CA ASN A 4 6.36 9.50 29.86
C ASN A 4 5.00 8.90 30.19
N ILE A 5 4.64 7.84 29.47
CA ILE A 5 3.40 7.14 29.80
C ILE A 5 3.56 6.58 31.21
N SER A 6 2.53 6.74 32.03
CA SER A 6 2.66 6.31 33.41
C SER A 6 2.50 4.80 33.51
N ASN A 7 2.78 4.29 34.71
CA ASN A 7 2.59 2.87 34.97
C ASN A 7 1.14 2.49 34.80
N ASN A 8 0.22 3.37 35.22
CA ASN A 8 -1.21 3.12 35.06
C ASN A 8 -1.57 2.99 33.58
N GLY A 9 -0.91 3.76 32.72
CA GLY A 9 -1.17 3.71 31.29
C GLY A 9 -0.56 2.49 30.63
N ILE A 10 0.67 2.16 30.98
CA ILE A 10 1.27 0.93 30.47
C ILE A 10 0.42 -0.28 30.85
N LYS A 11 -0.11 -0.29 32.06
CA LYS A 11 -0.88 -1.45 32.48
C LYS A 11 -2.25 -1.46 31.84
N PHE A 12 -2.81 -0.28 31.53
CA PHE A 12 -4.03 -0.26 30.74
C PHE A 12 -3.79 -0.87 29.36
N THR A 13 -2.81 -0.34 28.62
CA THR A 13 -2.46 -0.91 27.33
C THR A 13 -2.20 -2.42 27.45
N ALA A 14 -1.44 -2.82 28.46
CA ALA A 14 -1.11 -4.22 28.61
C ALA A 14 -2.36 -5.08 28.73
N ALA A 15 -3.35 -4.64 29.52
CA ALA A 15 -4.55 -5.45 29.73
C ALA A 15 -5.30 -5.69 28.43
N PHE A 16 -5.34 -4.70 27.55
CA PHE A 16 -6.03 -4.92 26.28
C PHE A 16 -5.17 -5.65 25.25
N GLU A 17 -3.84 -5.45 25.24
CA GLU A 17 -3.03 -6.22 24.31
C GLU A 17 -3.00 -7.70 24.68
N GLY A 18 -3.00 -8.00 25.98
CA GLY A 18 -2.93 -9.39 26.40
C GLY A 18 -1.51 -9.95 26.40
N PHE A 19 -1.19 -10.76 27.40
CA PHE A 19 0.17 -11.27 27.60
C PHE A 19 0.29 -12.71 27.14
N ARG A 20 1.38 -13.00 26.43
CA ARG A 20 1.77 -14.35 26.07
C ARG A 20 3.21 -14.53 26.47
N GLY A 21 3.47 -15.52 27.33
CA GLY A 21 4.79 -15.68 27.91
C GLY A 21 5.81 -16.37 27.02
N THR A 22 5.39 -16.93 25.89
CA THR A 22 6.25 -17.74 25.04
C THR A 22 6.20 -17.24 23.60
N ALA A 23 7.37 -17.06 23.00
CA ALA A 23 7.44 -16.64 21.61
C ALA A 23 6.57 -17.53 20.73
N TYR A 24 5.88 -16.92 19.77
CA TYR A 24 4.92 -17.63 18.93
C TYR A 24 4.70 -16.81 17.66
N ARG A 25 4.28 -17.49 16.60
CA ARG A 25 3.99 -16.82 15.34
C ARG A 25 2.49 -16.56 15.30
N ALA A 26 2.12 -15.29 15.32
CA ALA A 26 0.71 -14.94 15.48
C ALA A 26 -0.11 -15.30 14.24
N THR A 27 0.47 -15.13 13.06
CA THR A 27 -0.12 -15.56 11.79
C THR A 27 0.99 -16.12 10.95
N PRO A 28 0.70 -17.10 10.08
CA PRO A 28 1.76 -17.75 9.29
C PRO A 28 2.50 -16.82 8.34
N ASN A 29 1.92 -15.69 7.94
CA ASN A 29 2.60 -14.82 6.97
C ASN A 29 3.61 -13.88 7.60
N GLU A 30 3.50 -13.60 8.90
CA GLU A 30 4.40 -12.67 9.54
C GLU A 30 5.83 -13.20 9.53
N LYS A 31 6.77 -12.31 9.18
CA LYS A 31 8.17 -12.70 9.10
C LYS A 31 8.78 -13.01 10.46
N TYR A 32 8.25 -12.43 11.54
CA TYR A 32 8.86 -12.51 12.86
C TYR A 32 7.93 -13.14 13.87
N LEU A 33 8.48 -13.49 15.02
CA LEU A 33 7.72 -14.00 16.15
C LEU A 33 7.25 -12.87 17.06
N THR A 34 6.27 -13.18 17.91
CA THR A 34 5.71 -12.26 18.87
C THR A 34 5.86 -12.82 20.28
N ILE A 35 5.94 -11.92 21.27
CA ILE A 35 6.08 -12.31 22.67
C ILE A 35 5.57 -11.20 23.59
N GLY A 36 5.15 -11.60 24.78
CA GLY A 36 4.79 -10.61 25.78
C GLY A 36 3.53 -9.89 25.35
N TYR A 37 3.54 -8.57 25.49
CA TYR A 37 2.39 -7.75 25.15
C TYR A 37 2.50 -7.28 23.69
N GLY A 38 2.37 -8.25 22.78
CA GLY A 38 2.36 -7.91 21.37
C GLY A 38 3.70 -7.47 20.83
N SER A 39 4.80 -7.75 21.52
CA SER A 39 6.10 -7.33 21.04
C SER A 39 6.49 -8.21 19.85
N TYR A 40 6.83 -7.57 18.74
CA TYR A 40 6.96 -8.24 17.46
C TYR A 40 8.21 -7.74 16.76
N GLY A 41 9.10 -8.65 16.39
CA GLY A 41 10.20 -8.23 15.58
C GLY A 41 11.43 -9.10 15.69
N PRO A 42 12.52 -8.67 15.03
CA PRO A 42 13.73 -9.51 14.93
C PRO A 42 14.31 -9.91 16.26
N HIS A 43 13.92 -9.27 17.35
CA HIS A 43 14.48 -9.55 18.66
C HIS A 43 13.85 -10.76 19.33
N VAL A 44 12.75 -11.26 18.78
CA VAL A 44 11.99 -12.33 19.42
C VAL A 44 12.53 -13.65 18.90
N GLU A 45 13.10 -14.42 19.79
CA GLU A 45 13.83 -15.63 19.44
C GLU A 45 12.96 -16.86 19.68
N PRO A 46 12.97 -17.83 18.78
CA PRO A 46 12.15 -19.04 18.99
C PRO A 46 12.43 -19.66 20.35
N GLY A 47 11.36 -20.04 21.04
CA GLY A 47 11.49 -20.67 22.32
C GLY A 47 11.80 -19.74 23.47
N LYS A 48 11.85 -18.42 23.23
CA LYS A 48 12.03 -17.47 24.32
C LYS A 48 10.80 -17.46 25.21
N THR A 49 11.01 -17.35 26.51
CA THR A 49 9.92 -17.18 27.45
C THR A 49 10.24 -16.00 28.34
N ILE A 50 9.19 -15.26 28.73
CA ILE A 50 9.34 -14.09 29.57
C ILE A 50 8.20 -14.06 30.57
N THR A 51 8.39 -13.29 31.63
CA THR A 51 7.37 -13.08 32.64
C THR A 51 6.50 -11.88 32.29
N PRO A 52 5.32 -11.76 32.91
CA PRO A 52 4.53 -10.53 32.73
C PRO A 52 5.30 -9.25 33.05
N GLY A 53 6.15 -9.27 34.09
CA GLY A 53 6.91 -8.07 34.41
C GLY A 53 7.90 -7.71 33.32
N GLN A 54 8.54 -8.71 32.72
CA GLN A 54 9.37 -8.42 31.56
C GLN A 54 8.52 -7.90 30.41
N GLY A 55 7.29 -8.40 30.28
CA GLY A 55 6.41 -7.94 29.22
C GLY A 55 6.11 -6.45 29.32
N LEU A 56 5.90 -5.96 30.55
CA LEU A 56 5.65 -4.53 30.73
C LEU A 56 6.86 -3.70 30.32
N LEU A 57 8.06 -4.18 30.67
CA LEU A 57 9.27 -3.47 30.26
C LEU A 57 9.35 -3.39 28.74
N LEU A 58 9.11 -4.53 28.07
CA LEU A 58 9.12 -4.55 26.62
C LEU A 58 8.05 -3.63 26.06
N LEU A 59 6.83 -3.75 26.58
CA LEU A 59 5.74 -2.91 26.14
C LEU A 59 6.12 -1.43 26.26
N ASN A 60 6.65 -1.03 27.43
CA ASN A 60 7.03 0.37 27.57
C ASN A 60 8.03 0.76 26.49
N ARG A 61 9.00 -0.12 26.22
CA ARG A 61 9.98 0.16 25.18
C ARG A 61 9.34 0.18 23.80
N ASP A 62 8.38 -0.72 23.55
CA ASP A 62 7.75 -0.72 22.24
C ASP A 62 6.85 0.47 22.04
N MET A 63 6.37 1.09 23.12
CA MET A 63 5.52 2.28 23.03
C MET A 63 6.31 3.58 22.83
N ALA A 64 7.62 3.49 22.70
CA ALA A 64 8.48 4.68 22.70
C ALA A 64 8.06 5.70 21.65
N LYS A 65 7.85 5.23 20.41
CA LYS A 65 7.53 6.15 19.32
C LYS A 65 6.17 6.80 19.53
N ALA A 66 5.19 6.03 20.04
CA ALA A 66 3.89 6.62 20.29
C ALA A 66 3.99 7.70 21.36
N VAL A 67 4.76 7.43 22.40
CA VAL A 67 4.92 8.43 23.47
C VAL A 67 5.58 9.68 22.92
N ALA A 68 6.61 9.55 22.08
CA ALA A 68 7.25 10.75 21.53
C ALA A 68 6.30 11.53 20.64
N ALA A 69 5.46 10.84 19.85
CA ALA A 69 4.56 11.56 18.96
C ALA A 69 3.53 12.37 19.76
N VAL A 70 2.99 11.77 20.83
CA VAL A 70 2.04 12.50 21.67
C VAL A 70 2.76 13.61 22.43
N ASP A 71 3.93 13.30 23.01
CA ASP A 71 4.65 14.29 23.80
C ASP A 71 5.04 15.52 22.96
N ALA A 72 5.30 15.34 21.67
CA ALA A 72 5.79 16.44 20.85
C ALA A 72 4.73 17.52 20.61
N VAL A 73 3.45 17.19 20.69
CA VAL A 73 2.39 18.14 20.32
C VAL A 73 1.28 18.30 21.36
N ALA A 74 1.10 17.39 22.31
CA ALA A 74 0.01 17.52 23.28
C ALA A 74 0.20 18.74 24.17
N HIS A 75 -0.89 19.47 24.42
CA HIS A 75 -0.81 20.64 25.28
C HIS A 75 -0.30 20.24 26.66
N HIS A 76 0.54 21.10 27.24
CA HIS A 76 1.15 20.73 28.51
C HIS A 76 0.19 20.81 29.69
N SER A 77 -1.04 21.26 29.49
CA SER A 77 -2.05 21.22 30.55
C SER A 77 -2.83 19.90 30.60
N LEU A 78 -2.60 18.97 29.68
CA LEU A 78 -3.22 17.66 29.81
C LEU A 78 -2.77 17.01 31.12
N THR A 79 -3.68 16.29 31.76
CA THR A 79 -3.27 15.50 32.91
C THR A 79 -2.44 14.31 32.43
N GLN A 80 -1.75 13.67 33.37
CA GLN A 80 -1.04 12.44 33.06
C GLN A 80 -1.99 11.39 32.47
N SER A 81 -3.18 11.25 33.04
CA SER A 81 -4.13 10.25 32.55
C SER A 81 -4.56 10.56 31.13
N GLN A 82 -4.90 11.81 30.87
CA GLN A 82 -5.32 12.20 29.52
C GLN A 82 -4.21 11.96 28.53
N PHE A 83 -2.98 12.29 28.90
CA PHE A 83 -1.82 11.96 28.08
C PHE A 83 -1.70 10.44 27.87
N ASP A 84 -1.87 9.66 28.95
CA ASP A 84 -1.80 8.20 28.83
C ASP A 84 -2.81 7.69 27.81
N ALA A 85 -4.04 8.21 27.88
CA ALA A 85 -5.09 7.69 27.02
C ALA A 85 -4.79 7.97 25.55
N VAL A 86 -4.22 9.14 25.26
CA VAL A 86 -3.83 9.46 23.90
C VAL A 86 -2.66 8.58 23.45
N CYS A 87 -1.73 8.30 24.36
CA CYS A 87 -0.62 7.40 24.05
C CYS A 87 -1.15 6.03 23.64
N ASP A 88 -2.24 5.58 24.27
CA ASP A 88 -2.79 4.28 23.90
C ASP A 88 -3.47 4.31 22.55
N LEU A 89 -4.15 5.42 22.25
CA LEU A 89 -4.76 5.60 20.95
C LEU A 89 -3.70 5.60 19.85
N VAL A 90 -2.65 6.41 20.02
CA VAL A 90 -1.63 6.53 18.98
C VAL A 90 -0.87 5.21 18.81
N TYR A 91 -0.61 4.50 19.90
CA TYR A 91 -0.03 3.17 19.78
C TYR A 91 -0.95 2.23 19.01
N ASN A 92 -2.25 2.32 19.26
CA ASN A 92 -3.19 1.37 18.67
C ASN A 92 -3.48 1.71 17.22
N ALA A 93 -3.79 2.98 16.93
CA ALA A 93 -4.34 3.37 15.65
C ALA A 93 -3.36 4.18 14.80
N GLY A 94 -2.13 4.38 15.25
CA GLY A 94 -1.13 5.12 14.50
C GLY A 94 -1.20 6.62 14.77
N ALA A 95 -0.07 7.29 14.51
CA ALA A 95 0.05 8.72 14.82
C ALA A 95 -0.68 9.62 13.83
N GLY A 96 -1.20 9.08 12.72
CA GLY A 96 -1.95 9.90 11.79
C GLY A 96 -3.15 10.54 12.44
N VAL A 97 -3.76 9.85 13.41
CA VAL A 97 -4.99 10.32 14.04
C VAL A 97 -4.80 11.58 14.88
N ILE A 98 -3.57 11.97 15.19
CA ILE A 98 -3.32 13.21 15.90
C ILE A 98 -2.59 14.22 15.02
N ALA A 99 -2.63 14.04 13.69
CA ALA A 99 -2.02 15.02 12.80
C ALA A 99 -2.66 16.40 12.99
N ALA A 100 -1.85 17.44 12.74
CA ALA A 100 -2.24 18.81 13.05
C ALA A 100 -3.56 19.23 12.41
N ALA A 101 -3.95 18.60 11.30
CA ALA A 101 -5.16 18.99 10.58
C ALA A 101 -6.44 18.31 11.10
N THR A 102 -6.33 17.16 11.78
CA THR A 102 -7.50 16.48 12.29
C THR A 102 -8.14 17.25 13.44
N GLY A 103 -9.39 16.92 13.73
CA GLY A 103 -10.06 17.51 14.89
C GLY A 103 -9.47 17.03 16.19
N THR A 104 -9.23 15.71 16.29
CA THR A 104 -8.49 15.16 17.42
C THR A 104 -7.18 15.90 17.62
N GLY A 105 -6.43 16.11 16.53
CA GLY A 105 -5.11 16.67 16.62
C GLY A 105 -5.07 18.14 17.00
N LYS A 106 -6.14 18.88 16.70
CA LYS A 106 -6.15 20.28 17.11
C LYS A 106 -6.63 20.45 18.53
N ALA A 107 -7.58 19.64 18.98
CA ALA A 107 -7.96 19.66 20.39
C ALA A 107 -6.78 19.24 21.25
N LEU A 108 -6.06 18.18 20.84
CA LEU A 108 -4.87 17.74 21.56
C LEU A 108 -3.88 18.89 21.72
N ARG A 109 -3.63 19.62 20.63
CA ARG A 109 -2.61 20.66 20.67
C ARG A 109 -3.03 21.85 21.51
N SER A 110 -4.32 22.16 21.55
CA SER A 110 -4.78 23.33 22.27
C SER A 110 -5.13 23.05 23.72
N GLY A 111 -5.27 21.78 24.09
CA GLY A 111 -5.73 21.45 25.43
C GLY A 111 -7.22 21.57 25.61
N ASP A 112 -7.99 21.57 24.52
CA ASP A 112 -9.46 21.56 24.61
C ASP A 112 -9.88 20.17 25.12
N VAL A 113 -9.88 20.03 26.44
CA VAL A 113 -10.06 18.72 27.07
C VAL A 113 -11.38 18.10 26.64
N ALA A 114 -12.46 18.88 26.74
CA ALA A 114 -13.79 18.37 26.43
C ALA A 114 -13.87 17.86 25.00
N THR A 115 -13.44 18.65 24.02
CA THR A 115 -13.46 18.18 22.64
C THR A 115 -12.54 16.98 22.46
N LEU A 116 -11.33 17.04 23.03
CA LEU A 116 -10.42 15.91 22.93
C LEU A 116 -11.11 14.62 23.35
N ARG A 117 -11.84 14.65 24.46
CA ARG A 117 -12.50 13.44 24.93
C ARG A 117 -13.60 13.00 23.96
N ALA A 118 -14.34 13.96 23.39
CA ALA A 118 -15.38 13.59 22.44
C ALA A 118 -14.79 12.95 21.19
N LYS A 119 -13.68 13.50 20.68
CA LYS A 119 -13.01 12.88 19.55
C LYS A 119 -12.51 11.49 19.92
N LEU A 120 -11.96 11.33 21.12
CA LEU A 120 -11.46 10.04 21.56
C LEU A 120 -12.54 8.98 21.52
N ALA A 121 -13.79 9.36 21.80
CA ALA A 121 -14.90 8.42 21.84
C ALA A 121 -15.30 7.88 20.47
N LEU A 122 -14.75 8.40 19.36
CA LEU A 122 -15.18 8.05 18.01
C LEU A 122 -14.32 6.98 17.34
N PHE A 123 -13.20 6.58 17.94
CA PHE A 123 -12.29 5.63 17.33
C PHE A 123 -12.73 4.20 17.63
N ILE A 124 -13.89 3.84 17.08
CA ILE A 124 -14.51 2.54 17.25
C ILE A 124 -14.68 1.81 15.93
N ASN A 125 -14.09 2.32 14.85
CA ASN A 125 -14.37 1.80 13.53
C ASN A 125 -13.13 1.15 12.92
N GLN A 126 -13.38 0.13 12.12
CA GLN A 126 -12.39 -0.43 11.21
C GLN A 126 -12.97 -0.45 9.81
N ASN A 127 -12.30 0.22 8.87
CA ASN A 127 -12.78 0.35 7.50
C ASN A 127 -14.20 0.93 7.48
N GLY A 128 -14.43 1.93 8.33
CA GLY A 128 -15.66 2.67 8.35
C GLY A 128 -16.84 2.04 9.08
N LYS A 129 -16.66 0.89 9.75
CA LYS A 129 -17.77 0.26 10.44
C LYS A 129 -17.43 -0.06 11.90
N PRO A 130 -18.40 0.07 12.80
CA PRO A 130 -18.13 -0.21 14.22
C PRO A 130 -17.68 -1.65 14.42
N LEU A 131 -16.73 -1.81 15.32
CA LEU A 131 -16.20 -3.11 15.74
C LEU A 131 -16.31 -3.18 17.26
N LEU A 132 -16.76 -4.32 17.77
CA LEU A 132 -17.03 -4.43 19.20
C LEU A 132 -15.75 -4.28 20.03
N GLY A 133 -14.63 -4.84 19.56
CA GLY A 133 -13.38 -4.71 20.29
C GLY A 133 -12.90 -3.28 20.41
N LEU A 134 -13.14 -2.47 19.39
CA LEU A 134 -12.72 -1.07 19.42
C LEU A 134 -13.64 -0.23 20.27
N ARG A 135 -14.92 -0.61 20.37
CA ARG A 135 -15.80 0.06 21.31
C ARG A 135 -15.38 -0.24 22.75
N ARG A 136 -14.99 -1.49 23.01
CA ARG A 136 -14.49 -1.85 24.33
C ARG A 136 -13.22 -1.08 24.65
N ARG A 137 -12.23 -1.12 23.76
CA ARG A 137 -10.98 -0.46 24.10
C ARG A 137 -11.20 1.03 24.23
N THR A 138 -12.06 1.60 23.41
CA THR A 138 -12.32 3.03 23.49
C THR A 138 -13.04 3.36 24.79
N ALA A 139 -14.08 2.59 25.15
CA ALA A 139 -14.77 2.85 26.41
C ALA A 139 -13.78 2.86 27.58
N GLY A 140 -12.92 1.83 27.65
CA GLY A 140 -11.90 1.82 28.69
C GLY A 140 -10.92 2.96 28.54
N ARG A 141 -10.54 3.27 27.30
CA ARG A 141 -9.68 4.42 27.03
C ARG A 141 -10.29 5.71 27.56
N LEU A 142 -11.62 5.86 27.46
CA LEU A 142 -12.26 7.06 28.00
C LEU A 142 -12.21 7.06 29.52
N ALA A 143 -12.32 5.87 30.13
CA ALA A 143 -12.21 5.76 31.58
C ALA A 143 -10.80 6.10 32.05
N LEU A 144 -9.79 5.70 31.29
CA LEU A 144 -8.42 6.05 31.61
C LEU A 144 -8.21 7.56 31.48
N PHE A 145 -8.69 8.11 30.37
CA PHE A 145 -8.66 9.55 30.16
C PHE A 145 -9.23 10.29 31.36
N ASP A 146 -10.30 9.76 31.96
CA ASP A 146 -10.96 10.44 33.06
C ASP A 146 -10.24 10.30 34.38
N GLY A 147 -9.16 9.50 34.46
CA GLY A 147 -8.37 9.35 35.66
C GLY A 147 -8.56 8.05 36.42
N LYS A 148 -9.34 7.12 35.91
CA LYS A 148 -9.60 5.92 36.68
C LYS A 148 -8.43 4.95 36.60
N PRO A 149 -8.25 4.12 37.63
CA PRO A 149 -7.20 3.10 37.58
C PRO A 149 -7.43 2.12 36.43
N TRP A 150 -6.32 1.58 35.91
CA TRP A 150 -6.41 0.70 34.74
C TRP A 150 -7.38 -0.45 34.98
N GLN A 151 -7.44 -0.96 36.22
CA GLN A 151 -8.33 -2.08 36.52
C GLN A 151 -9.78 -1.69 36.28
N GLU A 152 -10.15 -0.48 36.67
CA GLU A 152 -11.51 0.00 36.45
C GLU A 152 -11.72 0.36 34.98
N ALA A 153 -10.73 1.03 34.37
CA ALA A 153 -10.84 1.32 32.94
C ALA A 153 -11.04 0.04 32.15
N GLU A 154 -10.29 -1.02 32.46
CA GLU A 154 -10.49 -2.28 31.74
C GLU A 154 -11.92 -2.77 31.92
N ALA A 155 -12.38 -2.88 33.18
CA ALA A 155 -13.70 -3.44 33.44
C ALA A 155 -14.80 -2.63 32.77
N ILE A 156 -14.65 -1.30 32.75
CA ILE A 156 -15.63 -0.44 32.09
C ILE A 156 -15.63 -0.72 30.58
N GLY A 157 -14.44 -0.95 30.02
CA GLY A 157 -14.32 -1.29 28.62
C GLY A 157 -15.00 -2.61 28.32
N ARG A 158 -14.59 -3.68 29.01
CA ARG A 158 -15.10 -5.00 28.68
C ARG A 158 -16.57 -5.18 29.03
N ALA A 159 -17.16 -4.34 29.86
CA ALA A 159 -18.59 -4.49 30.14
C ALA A 159 -19.45 -3.92 29.02
N VAL A 160 -18.85 -3.36 27.98
CA VAL A 160 -19.61 -2.80 26.87
C VAL A 160 -20.14 -3.92 26.01
N LYS A 161 -21.45 -3.91 25.77
CA LYS A 161 -22.08 -4.88 24.91
C LYS A 161 -22.70 -4.15 23.72
N SER B 2 16.36 -7.22 -23.87
CA SER B 2 15.37 -7.23 -22.78
C SER B 2 14.41 -8.42 -22.89
N ARG B 3 13.88 -8.87 -21.77
CA ARG B 3 12.99 -10.02 -21.75
C ARG B 3 11.69 -9.66 -21.06
N ASN B 4 10.66 -10.49 -21.31
CA ASN B 4 9.35 -10.27 -20.74
C ASN B 4 8.78 -11.62 -20.34
N ILE B 5 7.90 -11.64 -19.33
CA ILE B 5 7.14 -12.85 -19.10
C ILE B 5 6.19 -13.06 -20.27
N SER B 6 6.17 -14.28 -20.78
CA SER B 6 5.38 -14.62 -21.95
C SER B 6 3.90 -14.69 -21.59
N ASN B 7 3.07 -14.75 -22.63
CA ASN B 7 1.64 -14.88 -22.43
C ASN B 7 1.31 -16.19 -21.73
N ASN B 8 2.01 -17.27 -22.11
CA ASN B 8 1.83 -18.55 -21.45
C ASN B 8 2.28 -18.46 -20.00
N GLY B 9 3.35 -17.72 -19.73
CA GLY B 9 3.77 -17.54 -18.35
C GLY B 9 2.73 -16.77 -17.54
N ILE B 10 2.20 -15.69 -18.11
CA ILE B 10 1.22 -14.87 -17.40
C ILE B 10 0.00 -15.72 -17.04
N LYS B 11 -0.43 -16.58 -17.96
CA LYS B 11 -1.63 -17.33 -17.69
C LYS B 11 -1.38 -18.45 -16.69
N PHE B 12 -0.18 -19.02 -16.67
CA PHE B 12 0.16 -19.92 -15.57
C PHE B 12 -0.01 -19.22 -14.23
N THR B 13 0.68 -18.08 -14.05
CA THR B 13 0.57 -17.30 -12.82
C THR B 13 -0.89 -17.01 -12.47
N ALA B 14 -1.65 -16.51 -13.46
CA ALA B 14 -3.05 -16.18 -13.23
C ALA B 14 -3.85 -17.39 -12.77
N ALA B 15 -3.61 -18.56 -13.38
CA ALA B 15 -4.33 -19.79 -13.03
C ALA B 15 -4.21 -20.11 -11.54
N PHE B 16 -3.03 -19.89 -10.96
CA PHE B 16 -2.81 -20.19 -9.55
C PHE B 16 -3.08 -18.99 -8.64
N GLU B 17 -3.21 -17.78 -9.20
CA GLU B 17 -3.69 -16.66 -8.40
C GLU B 17 -5.18 -16.76 -8.14
N GLY B 18 -5.97 -17.09 -9.16
CA GLY B 18 -7.41 -17.13 -9.02
C GLY B 18 -8.02 -15.79 -9.37
N PHE B 19 -9.07 -15.79 -10.18
CA PHE B 19 -9.68 -14.55 -10.65
C PHE B 19 -10.87 -14.17 -9.79
N ARG B 20 -10.86 -12.92 -9.31
CA ARG B 20 -12.01 -12.33 -8.63
C ARG B 20 -12.41 -11.06 -9.38
N GLY B 21 -13.67 -10.98 -9.81
CA GLY B 21 -14.10 -9.94 -10.72
C GLY B 21 -14.52 -8.64 -10.06
N THR B 22 -14.85 -8.68 -8.78
CA THR B 22 -15.30 -7.49 -8.10
C THR B 22 -14.35 -7.17 -6.95
N ALA B 23 -13.99 -5.89 -6.83
CA ALA B 23 -13.11 -5.47 -5.75
C ALA B 23 -13.63 -6.00 -4.42
N TYR B 24 -12.71 -6.45 -3.59
CA TYR B 24 -13.03 -7.01 -2.29
C TYR B 24 -11.86 -6.78 -1.35
N ARG B 25 -12.13 -6.82 -0.05
CA ARG B 25 -11.09 -6.72 0.97
C ARG B 25 -10.72 -8.14 1.37
N ALA B 26 -9.49 -8.54 1.05
CA ALA B 26 -9.10 -9.93 1.22
C ALA B 26 -9.08 -10.33 2.69
N THR B 27 -8.50 -9.50 3.56
CA THR B 27 -8.61 -9.66 5.01
C THR B 27 -8.96 -8.31 5.63
N PRO B 28 -9.60 -8.32 6.80
CA PRO B 28 -10.11 -7.05 7.37
C PRO B 28 -9.06 -6.01 7.71
N ASN B 29 -7.80 -6.39 7.94
CA ASN B 29 -6.79 -5.43 8.35
C ASN B 29 -6.00 -4.82 7.19
N GLU B 30 -6.16 -5.33 5.98
CA GLU B 30 -5.40 -4.76 4.87
C GLU B 30 -5.89 -3.37 4.56
N LYS B 31 -4.94 -2.46 4.34
CA LYS B 31 -5.27 -1.09 3.94
C LYS B 31 -6.18 -1.05 2.70
N TYR B 32 -5.81 -1.78 1.65
CA TYR B 32 -6.43 -1.60 0.35
C TYR B 32 -7.27 -2.80 -0.06
N LEU B 33 -8.06 -2.59 -1.10
CA LEU B 33 -8.88 -3.63 -1.69
C LEU B 33 -8.08 -4.40 -2.74
N THR B 34 -8.60 -5.56 -3.13
CA THR B 34 -8.02 -6.45 -4.12
C THR B 34 -9.04 -6.70 -5.23
N ILE B 35 -8.55 -7.05 -6.42
CA ILE B 35 -9.39 -7.33 -7.57
C ILE B 35 -8.56 -8.12 -8.58
N GLY B 36 -9.25 -8.84 -9.47
CA GLY B 36 -8.57 -9.52 -10.56
C GLY B 36 -7.78 -10.70 -10.05
N TYR B 37 -6.54 -10.81 -10.52
CA TYR B 37 -5.63 -11.87 -10.14
C TYR B 37 -4.70 -11.38 -9.03
N GLY B 38 -5.33 -11.03 -7.91
CA GLY B 38 -4.61 -10.56 -6.75
C GLY B 38 -4.03 -9.17 -6.88
N SER B 39 -4.65 -8.30 -7.66
CA SER B 39 -4.18 -6.93 -7.80
C SER B 39 -4.55 -6.16 -6.55
N TYR B 40 -3.56 -5.69 -5.82
CA TYR B 40 -3.75 -5.04 -4.53
C TYR B 40 -3.11 -3.65 -4.57
N GLY B 41 -3.81 -2.66 -4.04
CA GLY B 41 -3.20 -1.36 -3.88
C GLY B 41 -4.20 -0.22 -3.98
N PRO B 42 -3.67 1.02 -3.98
CA PRO B 42 -4.57 2.19 -4.00
C PRO B 42 -5.32 2.39 -5.33
N HIS B 43 -4.95 1.70 -6.40
CA HIS B 43 -5.71 1.81 -7.64
C HIS B 43 -7.06 1.11 -7.58
N VAL B 44 -7.30 0.23 -6.61
CA VAL B 44 -8.52 -0.58 -6.59
C VAL B 44 -9.61 0.16 -5.84
N GLU B 45 -10.72 0.40 -6.51
CA GLU B 45 -11.85 1.24 -6.11
C GLU B 45 -12.97 0.38 -5.56
N PRO B 46 -13.69 0.83 -4.54
CA PRO B 46 -14.78 0.00 -4.01
C PRO B 46 -15.86 -0.18 -5.06
N GLY B 47 -16.28 -1.43 -5.23
CA GLY B 47 -17.31 -1.76 -6.19
C GLY B 47 -16.83 -1.92 -7.61
N LYS B 48 -15.53 -1.80 -7.89
CA LYS B 48 -15.05 -1.96 -9.25
C LYS B 48 -15.18 -3.41 -9.70
N THR B 49 -15.61 -3.58 -10.95
CA THR B 49 -15.65 -4.87 -11.62
C THR B 49 -14.74 -4.82 -12.84
N ILE B 50 -14.00 -5.89 -13.06
CA ILE B 50 -13.22 -6.06 -14.27
C ILE B 50 -13.44 -7.47 -14.79
N THR B 51 -12.98 -7.69 -16.03
CA THR B 51 -13.02 -8.95 -16.76
C THR B 51 -11.72 -9.70 -16.60
N PRO B 52 -11.71 -11.02 -16.85
CA PRO B 52 -10.44 -11.75 -16.75
C PRO B 52 -9.37 -11.19 -17.65
N GLY B 53 -9.76 -10.74 -18.86
CA GLY B 53 -8.79 -10.13 -19.76
C GLY B 53 -8.20 -8.85 -19.19
N GLN B 54 -9.02 -8.03 -18.53
CA GLN B 54 -8.48 -6.89 -17.79
C GLN B 54 -7.58 -7.37 -16.65
N GLY B 55 -7.96 -8.46 -16.00
CA GLY B 55 -7.10 -9.04 -14.97
C GLY B 55 -5.72 -9.43 -15.48
N LEU B 56 -5.65 -10.02 -16.68
CA LEU B 56 -4.33 -10.42 -17.21
C LEU B 56 -3.46 -9.21 -17.50
N LEU B 57 -4.05 -8.15 -18.07
CA LEU B 57 -3.29 -6.94 -18.33
C LEU B 57 -2.76 -6.35 -17.03
N LEU B 58 -3.60 -6.34 -16.00
CA LEU B 58 -3.24 -5.76 -14.72
C LEU B 58 -2.19 -6.63 -14.01
N LEU B 59 -2.37 -7.95 -14.08
CA LEU B 59 -1.37 -8.85 -13.50
C LEU B 59 -0.04 -8.72 -14.21
N ASN B 60 -0.07 -8.60 -15.54
CA ASN B 60 1.20 -8.39 -16.25
C ASN B 60 1.89 -7.16 -15.70
N ARG B 61 1.13 -6.08 -15.49
CA ARG B 61 1.66 -4.88 -14.90
C ARG B 61 2.12 -5.13 -13.47
N ASP B 62 1.31 -5.86 -12.68
CA ASP B 62 1.71 -6.11 -11.30
C ASP B 62 2.94 -7.02 -11.20
N MET B 63 3.30 -7.72 -12.26
CA MET B 63 4.45 -8.62 -12.24
C MET B 63 5.71 -7.97 -12.76
N ALA B 64 5.66 -6.65 -13.04
CA ALA B 64 6.79 -5.96 -13.66
C ALA B 64 8.06 -6.03 -12.82
N LYS B 65 7.93 -5.98 -11.49
CA LYS B 65 9.13 -5.93 -10.66
C LYS B 65 9.82 -7.29 -10.62
N ALA B 66 9.04 -8.37 -10.53
CA ALA B 66 9.63 -9.70 -10.59
C ALA B 66 10.34 -9.92 -11.91
N VAL B 67 9.68 -9.58 -13.01
CA VAL B 67 10.28 -9.72 -14.34
C VAL B 67 11.63 -9.00 -14.39
N ALA B 68 11.67 -7.76 -13.92
CA ALA B 68 12.91 -6.99 -13.99
C ALA B 68 14.01 -7.65 -13.17
N ALA B 69 13.66 -8.08 -11.95
CA ALA B 69 14.62 -8.75 -11.08
C ALA B 69 15.20 -9.99 -11.76
N VAL B 70 14.34 -10.84 -12.34
CA VAL B 70 14.83 -12.02 -13.03
C VAL B 70 15.66 -11.62 -14.24
N ASP B 71 15.14 -10.67 -15.04
CA ASP B 71 15.83 -10.27 -16.27
C ASP B 71 17.26 -9.82 -16.01
N ALA B 72 17.54 -9.23 -14.84
CA ALA B 72 18.84 -8.63 -14.63
C ALA B 72 19.94 -9.66 -14.46
N VAL B 73 19.63 -10.83 -13.90
CA VAL B 73 20.65 -11.80 -13.55
C VAL B 73 20.52 -13.12 -14.31
N ALA B 74 19.34 -13.48 -14.81
CA ALA B 74 19.17 -14.76 -15.48
C ALA B 74 20.08 -14.84 -16.69
N HIS B 75 20.82 -15.95 -16.80
CA HIS B 75 21.64 -16.21 -17.97
C HIS B 75 20.78 -16.20 -19.22
N HIS B 76 21.32 -15.67 -20.30
CA HIS B 76 20.51 -15.56 -21.50
C HIS B 76 20.36 -16.87 -22.27
N SER B 77 21.02 -17.95 -21.83
CA SER B 77 20.81 -19.26 -22.43
C SER B 77 19.52 -19.92 -21.96
N LEU B 78 18.74 -19.26 -21.09
CA LEU B 78 17.50 -19.82 -20.58
C LEU B 78 16.40 -19.74 -21.63
N THR B 79 15.56 -20.76 -21.69
CA THR B 79 14.42 -20.67 -22.57
C THR B 79 13.38 -19.70 -22.00
N GLN B 80 12.50 -19.24 -22.88
CA GLN B 80 11.39 -18.39 -22.45
C GLN B 80 10.61 -19.03 -21.32
N SER B 81 10.30 -20.33 -21.43
CA SER B 81 9.54 -20.96 -20.36
C SER B 81 10.33 -21.07 -19.07
N GLN B 82 11.65 -21.24 -19.16
CA GLN B 82 12.44 -21.28 -17.93
C GLN B 82 12.46 -19.91 -17.29
N PHE B 83 12.55 -18.87 -18.12
CA PHE B 83 12.39 -17.50 -17.65
C PHE B 83 11.02 -17.30 -17.00
N ASP B 84 9.96 -17.81 -17.64
CA ASP B 84 8.60 -17.64 -17.11
C ASP B 84 8.47 -18.26 -15.73
N ALA B 85 8.95 -19.51 -15.58
CA ALA B 85 8.80 -20.20 -14.30
C ALA B 85 9.50 -19.48 -13.15
N VAL B 86 10.69 -18.93 -13.42
CA VAL B 86 11.41 -18.22 -12.37
C VAL B 86 10.72 -16.90 -12.02
N CYS B 87 10.20 -16.19 -13.04
CA CYS B 87 9.39 -15.01 -12.80
C CYS B 87 8.25 -15.32 -11.84
N ASP B 88 7.55 -16.44 -12.06
CA ASP B 88 6.48 -16.81 -11.12
C ASP B 88 7.04 -17.04 -9.72
N LEU B 89 8.15 -17.76 -9.61
CA LEU B 89 8.81 -17.92 -8.32
C LEU B 89 9.11 -16.57 -7.68
N VAL B 90 9.79 -15.69 -8.43
CA VAL B 90 10.18 -14.41 -7.87
C VAL B 90 8.96 -13.54 -7.54
N TYR B 91 7.90 -13.62 -8.37
CA TYR B 91 6.67 -12.89 -8.06
C TYR B 91 5.97 -13.41 -6.83
N ASN B 92 6.04 -14.72 -6.57
CA ASN B 92 5.34 -15.26 -5.41
C ASN B 92 6.17 -15.21 -4.14
N ALA B 93 7.50 -15.32 -4.26
CA ALA B 93 8.37 -15.54 -3.11
C ALA B 93 9.36 -14.39 -2.84
N GLY B 94 9.31 -13.30 -3.61
CA GLY B 94 10.24 -12.20 -3.39
C GLY B 94 11.58 -12.44 -4.06
N ALA B 95 12.30 -11.37 -4.39
CA ALA B 95 13.54 -11.53 -5.13
C ALA B 95 14.68 -12.10 -4.28
N GLY B 96 14.48 -12.30 -2.98
CA GLY B 96 15.55 -12.83 -2.14
C GLY B 96 15.99 -14.23 -2.52
N VAL B 97 15.07 -15.03 -3.06
CA VAL B 97 15.37 -16.39 -3.47
C VAL B 97 16.26 -16.47 -4.71
N ILE B 98 16.48 -15.37 -5.43
CA ILE B 98 17.43 -15.38 -6.55
C ILE B 98 18.64 -14.49 -6.25
N ALA B 99 18.89 -14.19 -4.98
CA ALA B 99 20.06 -13.40 -4.61
C ALA B 99 21.36 -14.16 -4.97
N ALA B 100 22.40 -13.38 -5.27
CA ALA B 100 23.65 -13.92 -5.82
C ALA B 100 24.31 -14.97 -4.95
N ALA B 101 24.06 -14.94 -3.64
CA ALA B 101 24.69 -15.88 -2.72
C ALA B 101 23.92 -17.19 -2.61
N THR B 102 22.65 -17.19 -3.01
CA THR B 102 21.83 -18.39 -2.90
C THR B 102 22.21 -19.41 -3.97
N GLY B 103 21.84 -20.66 -3.72
CA GLY B 103 22.07 -21.69 -4.72
C GLY B 103 21.29 -21.43 -5.99
N THR B 104 19.99 -21.17 -5.83
CA THR B 104 19.13 -20.78 -6.94
C THR B 104 19.73 -19.63 -7.76
N GLY B 105 20.11 -18.55 -7.08
CA GLY B 105 20.64 -17.39 -7.79
C GLY B 105 21.91 -17.68 -8.54
N LYS B 106 22.81 -18.47 -7.93
CA LYS B 106 24.05 -18.81 -8.61
C LYS B 106 23.79 -19.68 -9.84
N ALA B 107 22.88 -20.63 -9.73
CA ALA B 107 22.48 -21.41 -10.90
C ALA B 107 21.79 -20.52 -11.92
N LEU B 108 20.88 -19.65 -11.45
CA LEU B 108 20.21 -18.69 -12.32
C LEU B 108 21.22 -17.87 -13.12
N ARG B 109 22.35 -17.53 -12.52
CA ARG B 109 23.29 -16.65 -13.22
C ARG B 109 24.17 -17.41 -14.21
N SER B 110 24.46 -18.68 -13.94
CA SER B 110 25.38 -19.43 -14.79
C SER B 110 24.70 -20.11 -15.97
N GLY B 111 23.40 -20.37 -15.90
CA GLY B 111 22.71 -21.14 -16.90
C GLY B 111 22.73 -22.63 -16.68
N ASP B 112 22.96 -23.09 -15.46
CA ASP B 112 22.93 -24.51 -15.13
C ASP B 112 21.46 -24.91 -15.01
N VAL B 113 20.89 -25.28 -16.16
CA VAL B 113 19.46 -25.57 -16.22
C VAL B 113 19.11 -26.73 -15.28
N ALA B 114 19.94 -27.77 -15.27
CA ALA B 114 19.72 -28.92 -14.40
C ALA B 114 19.69 -28.51 -12.93
N THR B 115 20.71 -27.77 -12.49
CA THR B 115 20.71 -27.33 -11.10
C THR B 115 19.57 -26.37 -10.80
N LEU B 116 19.31 -25.42 -11.71
CA LEU B 116 18.20 -24.48 -11.46
C LEU B 116 16.89 -25.23 -11.26
N ARG B 117 16.62 -26.23 -12.10
CA ARG B 117 15.39 -27.00 -11.95
C ARG B 117 15.34 -27.70 -10.60
N ALA B 118 16.46 -28.27 -10.14
CA ALA B 118 16.51 -28.88 -8.82
C ALA B 118 16.15 -27.88 -7.73
N LYS B 119 16.86 -26.74 -7.71
CA LYS B 119 16.57 -25.72 -6.70
C LYS B 119 15.09 -25.32 -6.74
N LEU B 120 14.59 -25.00 -7.92
CA LEU B 120 13.22 -24.51 -8.03
C LEU B 120 12.22 -25.53 -7.51
N ALA B 121 12.57 -26.83 -7.55
CA ALA B 121 11.70 -27.86 -7.02
C ALA B 121 11.62 -27.86 -5.51
N LEU B 122 12.57 -27.22 -4.83
CA LEU B 122 12.61 -27.22 -3.37
C LEU B 122 11.64 -26.23 -2.73
N PHE B 123 11.16 -25.22 -3.45
CA PHE B 123 10.38 -24.16 -2.84
C PHE B 123 8.97 -24.58 -2.47
N ILE B 124 8.84 -25.51 -1.52
CA ILE B 124 7.54 -26.03 -1.11
C ILE B 124 7.23 -25.69 0.35
N ASN B 125 8.00 -24.82 0.98
CA ASN B 125 7.90 -24.61 2.41
C ASN B 125 7.50 -23.18 2.74
N GLN B 126 6.81 -23.05 3.88
CA GLN B 126 6.57 -21.79 4.56
C GLN B 126 6.96 -21.98 6.01
N ASN B 127 7.81 -21.10 6.53
CA ASN B 127 8.42 -21.31 7.84
C ASN B 127 9.03 -22.71 7.95
N GLY B 128 9.68 -23.14 6.87
CA GLY B 128 10.39 -24.40 6.84
C GLY B 128 9.55 -25.65 6.98
N LYS B 129 8.25 -25.58 6.64
CA LYS B 129 7.39 -26.78 6.65
C LYS B 129 6.52 -26.82 5.41
N PRO B 130 6.28 -28.01 4.85
CA PRO B 130 5.63 -28.11 3.54
C PRO B 130 4.16 -27.68 3.57
N LEU B 131 3.78 -26.96 2.53
CA LEU B 131 2.40 -26.57 2.29
C LEU B 131 1.92 -27.23 1.00
N LEU B 132 0.76 -27.89 1.07
CA LEU B 132 0.20 -28.52 -0.13
C LEU B 132 0.12 -27.53 -1.29
N GLY B 133 -0.35 -26.30 -1.02
CA GLY B 133 -0.49 -25.33 -2.08
C GLY B 133 0.84 -24.99 -2.73
N LEU B 134 1.89 -24.87 -1.92
CA LEU B 134 3.22 -24.61 -2.47
C LEU B 134 3.72 -25.80 -3.28
N ARG B 135 3.40 -27.02 -2.83
CA ARG B 135 3.78 -28.21 -3.60
C ARG B 135 3.05 -28.23 -4.93
N ARG B 136 1.77 -27.84 -4.93
CA ARG B 136 0.97 -27.83 -6.15
C ARG B 136 1.49 -26.76 -7.12
N ARG B 137 1.76 -25.57 -6.61
CA ARG B 137 2.26 -24.52 -7.49
C ARG B 137 3.66 -24.85 -7.98
N THR B 138 4.49 -25.41 -7.11
CA THR B 138 5.84 -25.78 -7.52
C THR B 138 5.80 -26.87 -8.57
N ALA B 139 4.91 -27.85 -8.40
CA ALA B 139 4.74 -28.89 -9.41
C ALA B 139 4.30 -28.29 -10.73
N GLY B 140 3.36 -27.33 -10.68
CA GLY B 140 3.03 -26.57 -11.87
C GLY B 140 4.21 -25.81 -12.42
N ARG B 141 4.90 -25.08 -11.55
CA ARG B 141 6.05 -24.29 -11.99
C ARG B 141 7.08 -25.14 -12.72
N LEU B 142 7.28 -26.38 -12.26
CA LEU B 142 8.26 -27.25 -12.89
C LEU B 142 7.79 -27.65 -14.30
N ALA B 143 6.51 -27.97 -14.45
CA ALA B 143 5.97 -28.29 -15.77
C ALA B 143 6.15 -27.12 -16.72
N LEU B 144 5.97 -25.89 -16.21
CA LEU B 144 6.15 -24.71 -17.06
C LEU B 144 7.62 -24.55 -17.44
N PHE B 145 8.50 -24.64 -16.44
CA PHE B 145 9.94 -24.66 -16.71
C PHE B 145 10.29 -25.63 -17.83
N ASP B 146 9.68 -26.81 -17.81
CA ASP B 146 10.03 -27.85 -18.76
C ASP B 146 9.52 -27.57 -20.17
N GLY B 147 8.68 -26.57 -20.36
CA GLY B 147 8.16 -26.20 -21.66
C GLY B 147 6.67 -26.41 -21.83
N LYS B 148 5.97 -26.87 -20.80
CA LYS B 148 4.56 -27.19 -20.95
C LYS B 148 3.67 -25.95 -20.99
N PRO B 149 2.56 -26.00 -21.74
CA PRO B 149 1.61 -24.88 -21.74
C PRO B 149 0.87 -24.78 -20.42
N TRP B 150 0.44 -23.56 -20.09
CA TRP B 150 -0.05 -23.32 -18.75
C TRP B 150 -1.20 -24.24 -18.39
N GLN B 151 -2.01 -24.64 -19.38
CA GLN B 151 -3.14 -25.52 -19.09
C GLN B 151 -2.65 -26.87 -18.59
N GLU B 152 -1.57 -27.38 -19.18
CA GLU B 152 -1.01 -28.65 -18.71
C GLU B 152 -0.30 -28.46 -17.38
N ALA B 153 0.55 -27.43 -17.28
CA ALA B 153 1.21 -27.13 -16.02
C ALA B 153 0.24 -26.99 -14.86
N GLU B 154 -0.92 -26.37 -15.09
CA GLU B 154 -1.91 -26.24 -14.02
C GLU B 154 -2.46 -27.60 -13.59
N ALA B 155 -2.79 -28.47 -14.56
CA ALA B 155 -3.37 -29.75 -14.19
C ALA B 155 -2.34 -30.63 -13.48
N ILE B 156 -1.09 -30.57 -13.93
CA ILE B 156 0.00 -31.29 -13.26
C ILE B 156 0.15 -30.80 -11.83
N GLY B 157 0.08 -29.48 -11.63
CA GLY B 157 0.22 -28.94 -10.29
C GLY B 157 -0.92 -29.31 -9.38
N ARG B 158 -2.14 -29.33 -9.91
CA ARG B 158 -3.31 -29.60 -9.09
C ARG B 158 -3.51 -31.08 -8.79
N ALA B 159 -2.82 -31.97 -9.51
CA ALA B 159 -2.93 -33.40 -9.26
C ALA B 159 -2.10 -33.85 -8.08
N VAL B 160 -1.15 -33.03 -7.62
CA VAL B 160 -0.38 -33.34 -6.41
C VAL B 160 -1.31 -33.46 -5.22
N LYS B 161 -1.34 -34.64 -4.60
CA LYS B 161 -2.10 -34.83 -3.37
C LYS B 161 -1.21 -35.28 -2.21
N SER C 2 -11.13 6.61 2.56
CA SER C 2 -10.22 6.11 1.53
C SER C 2 -10.70 6.42 0.09
N ARG C 3 -9.88 7.10 -0.69
CA ARG C 3 -10.34 7.80 -1.89
C ARG C 3 -9.61 7.31 -3.14
N ASN C 4 -10.23 7.56 -4.28
CA ASN C 4 -9.71 7.09 -5.57
C ASN C 4 -9.88 8.21 -6.57
N ILE C 5 -9.03 8.25 -7.59
CA ILE C 5 -9.28 9.21 -8.65
C ILE C 5 -10.51 8.75 -9.43
N SER C 6 -11.40 9.68 -9.73
CA SER C 6 -12.62 9.30 -10.41
C SER C 6 -12.33 8.98 -11.88
N ASN C 7 -13.33 8.44 -12.57
CA ASN C 7 -13.18 8.27 -14.02
C ASN C 7 -13.08 9.62 -14.72
N ASN C 8 -13.70 10.66 -14.18
CA ASN C 8 -13.53 11.99 -14.77
C ASN C 8 -12.08 12.44 -14.75
N GLY C 9 -11.41 12.29 -13.60
CA GLY C 9 -10.02 12.72 -13.50
C GLY C 9 -9.06 11.82 -14.27
N ILE C 10 -9.33 10.52 -14.31
CA ILE C 10 -8.48 9.62 -15.10
C ILE C 10 -8.48 10.05 -16.55
N LYS C 11 -9.66 10.42 -17.06
CA LYS C 11 -9.78 10.81 -18.45
C LYS C 11 -9.19 12.20 -18.69
N PHE C 12 -9.25 13.08 -17.69
CA PHE C 12 -8.49 14.33 -17.81
C PHE C 12 -7.01 14.03 -18.02
N THR C 13 -6.38 13.38 -17.02
CA THR C 13 -5.00 12.95 -17.11
C THR C 13 -4.69 12.33 -18.47
N ALA C 14 -5.49 11.32 -18.85
CA ALA C 14 -5.30 10.64 -20.12
C ALA C 14 -5.26 11.62 -21.30
N ALA C 15 -6.21 12.56 -21.35
CA ALA C 15 -6.28 13.49 -22.48
C ALA C 15 -4.98 14.27 -22.67
N PHE C 16 -4.28 14.58 -21.59
CA PHE C 16 -3.01 15.26 -21.68
C PHE C 16 -1.82 14.32 -21.76
N GLU C 17 -1.93 13.08 -21.26
CA GLU C 17 -0.84 12.12 -21.49
C GLU C 17 -0.75 11.75 -22.96
N GLY C 18 -1.89 11.55 -23.62
CA GLY C 18 -1.90 11.07 -24.99
C GLY C 18 -1.78 9.56 -25.06
N PHE C 19 -2.55 8.96 -25.95
CA PHE C 19 -2.66 7.52 -26.06
C PHE C 19 -1.85 7.00 -27.25
N ARG C 20 -1.14 5.90 -27.05
CA ARG C 20 -0.42 5.19 -28.10
C ARG C 20 -0.72 3.70 -27.98
N GLY C 21 -1.24 3.10 -29.05
CA GLY C 21 -1.74 1.74 -28.93
C GLY C 21 -0.69 0.65 -28.97
N THR C 22 0.49 0.92 -29.53
CA THR C 22 1.53 -0.06 -29.77
C THR C 22 2.76 0.29 -28.95
N ALA C 23 3.38 -0.71 -28.33
CA ALA C 23 4.65 -0.47 -27.64
C ALA C 23 5.63 0.27 -28.54
N TYR C 24 6.34 1.23 -27.97
CA TYR C 24 7.33 2.00 -28.70
C TYR C 24 8.39 2.50 -27.73
N ARG C 25 9.52 2.91 -28.26
CA ARG C 25 10.55 3.55 -27.45
C ARG C 25 10.40 5.05 -27.60
N ALA C 26 10.00 5.71 -26.51
CA ALA C 26 9.80 7.17 -26.55
C ALA C 26 11.07 7.88 -26.96
N THR C 27 12.11 7.77 -26.14
CA THR C 27 13.39 8.39 -26.43
C THR C 27 14.43 7.31 -26.75
N PRO C 28 15.32 7.57 -27.71
CA PRO C 28 16.04 6.47 -28.37
C PRO C 28 16.84 5.53 -27.45
N ASN C 29 17.10 5.90 -26.19
CA ASN C 29 17.91 5.00 -25.37
C ASN C 29 17.33 4.79 -23.97
N GLU C 30 16.01 4.91 -23.81
CA GLU C 30 15.37 4.48 -22.59
C GLU C 30 15.48 2.96 -22.45
N LYS C 31 15.55 2.48 -21.21
CA LYS C 31 15.72 1.05 -21.00
C LYS C 31 14.50 0.26 -21.45
N TYR C 32 13.31 0.75 -21.13
CA TYR C 32 12.06 0.06 -21.39
C TYR C 32 11.25 0.75 -22.48
N LEU C 33 10.25 0.01 -22.98
CA LEU C 33 9.30 0.54 -23.93
C LEU C 33 8.11 1.16 -23.20
N THR C 34 7.35 1.95 -23.95
CA THR C 34 6.19 2.69 -23.45
C THR C 34 4.96 2.25 -24.23
N ILE C 35 3.80 2.28 -23.57
CA ILE C 35 2.55 1.93 -24.24
C ILE C 35 1.39 2.61 -23.52
N GLY C 36 0.28 2.79 -24.24
CA GLY C 36 -0.91 3.35 -23.62
C GLY C 36 -0.71 4.82 -23.29
N TYR C 37 -1.16 5.21 -22.10
CA TYR C 37 -1.03 6.59 -21.63
C TYR C 37 0.27 6.74 -20.85
N GLY C 38 1.38 6.64 -21.57
CA GLY C 38 2.67 6.78 -20.94
C GLY C 38 3.07 5.65 -20.00
N SER C 39 2.49 4.47 -20.15
CA SER C 39 2.84 3.40 -19.24
C SER C 39 4.24 2.90 -19.57
N TYR C 40 5.14 2.97 -18.59
CA TYR C 40 6.56 2.74 -18.82
C TYR C 40 7.07 1.72 -17.82
N GLY C 41 7.85 0.76 -18.30
CA GLY C 41 8.47 -0.19 -17.41
C GLY C 41 8.67 -1.53 -18.05
N PRO C 42 9.21 -2.47 -17.26
CA PRO C 42 9.51 -3.80 -17.81
C PRO C 42 8.29 -4.61 -18.20
N HIS C 43 7.07 -4.15 -17.89
CA HIS C 43 5.86 -4.87 -18.29
C HIS C 43 5.53 -4.71 -19.77
N VAL C 44 6.12 -3.74 -20.46
CA VAL C 44 5.74 -3.45 -21.83
C VAL C 44 6.57 -4.34 -22.75
N GLU C 45 5.91 -5.28 -23.41
CA GLU C 45 6.55 -6.21 -24.34
C GLU C 45 6.63 -5.56 -25.72
N PRO C 46 7.74 -5.76 -26.44
CA PRO C 46 7.79 -5.31 -27.84
C PRO C 46 6.61 -5.86 -28.63
N GLY C 47 6.09 -5.03 -29.53
CA GLY C 47 4.96 -5.43 -30.35
C GLY C 47 3.63 -5.50 -29.63
N LYS C 48 3.59 -5.32 -28.31
CA LYS C 48 2.31 -5.31 -27.62
C LYS C 48 1.43 -4.19 -28.15
N THR C 49 0.13 -4.47 -28.29
CA THR C 49 -0.86 -3.44 -28.58
C THR C 49 -2.01 -3.55 -27.60
N ILE C 50 -2.64 -2.41 -27.32
CA ILE C 50 -3.77 -2.32 -26.41
C ILE C 50 -4.79 -1.33 -26.94
N THR C 51 -6.02 -1.46 -26.42
CA THR C 51 -7.06 -0.51 -26.74
C THR C 51 -6.98 0.71 -25.82
N PRO C 52 -7.62 1.82 -26.21
CA PRO C 52 -7.71 2.96 -25.29
C PRO C 52 -8.29 2.60 -23.94
N GLY C 53 -9.35 1.78 -23.92
CA GLY C 53 -9.94 1.40 -22.66
C GLY C 53 -8.98 0.60 -21.80
N GLN C 54 -8.15 -0.24 -22.43
CA GLN C 54 -7.08 -0.86 -21.68
C GLN C 54 -6.07 0.18 -21.21
N GLY C 55 -5.85 1.20 -22.05
CA GLY C 55 -4.97 2.27 -21.64
C GLY C 55 -5.41 2.94 -20.36
N LEU C 56 -6.72 3.20 -20.23
CA LEU C 56 -7.26 3.85 -19.03
C LEU C 56 -7.13 2.94 -17.81
N LEU C 57 -7.34 1.64 -17.99
CA LEU C 57 -7.21 0.72 -16.86
C LEU C 57 -5.77 0.70 -16.37
N LEU C 58 -4.83 0.67 -17.30
CA LEU C 58 -3.42 0.67 -16.94
C LEU C 58 -3.01 2.02 -16.34
N LEU C 59 -3.52 3.13 -16.90
CA LEU C 59 -3.20 4.45 -16.35
C LEU C 59 -3.68 4.58 -14.91
N ASN C 60 -4.86 4.06 -14.61
CA ASN C 60 -5.33 4.10 -13.23
C ASN C 60 -4.38 3.33 -12.33
N ARG C 61 -3.93 2.16 -12.79
CA ARG C 61 -2.93 1.41 -12.06
C ARG C 61 -1.63 2.17 -11.94
N ASP C 62 -1.20 2.84 -13.03
CA ASP C 62 0.07 3.59 -12.98
C ASP C 62 -0.01 4.78 -12.02
N MET C 63 -1.20 5.36 -11.84
CA MET C 63 -1.41 6.47 -10.91
C MET C 63 -1.57 6.02 -9.45
N ALA C 64 -1.33 4.74 -9.17
CA ALA C 64 -1.47 4.21 -7.81
C ALA C 64 -0.72 5.05 -6.78
N LYS C 65 0.58 5.29 -7.00
CA LYS C 65 1.36 5.98 -5.98
C LYS C 65 0.88 7.41 -5.78
N ALA C 66 0.61 8.13 -6.88
CA ALA C 66 0.18 9.52 -6.74
C ALA C 66 -1.14 9.61 -5.98
N VAL C 67 -2.10 8.73 -6.29
CA VAL C 67 -3.39 8.77 -5.59
C VAL C 67 -3.19 8.51 -4.10
N ALA C 68 -2.38 7.50 -3.75
CA ALA C 68 -2.13 7.21 -2.33
C ALA C 68 -1.47 8.39 -1.64
N ALA C 69 -0.43 8.95 -2.26
CA ALA C 69 0.22 10.14 -1.72
C ALA C 69 -0.79 11.25 -1.44
N VAL C 70 -1.64 11.57 -2.42
CA VAL C 70 -2.63 12.62 -2.17
C VAL C 70 -3.58 12.21 -1.07
N ASP C 71 -4.02 10.96 -1.11
CA ASP C 71 -5.05 10.51 -0.17
C ASP C 71 -4.54 10.53 1.25
N ALA C 72 -3.23 10.35 1.43
CA ALA C 72 -2.67 10.27 2.77
C ALA C 72 -2.74 11.62 3.49
N VAL C 73 -2.67 12.72 2.75
CA VAL C 73 -2.58 14.05 3.35
C VAL C 73 -3.71 14.98 2.95
N ALA C 74 -4.51 14.66 1.95
CA ALA C 74 -5.56 15.58 1.53
C ALA C 74 -6.63 15.72 2.59
N HIS C 75 -6.97 16.95 2.94
CA HIS C 75 -8.09 17.16 3.85
C HIS C 75 -9.35 16.52 3.28
N HIS C 76 -10.16 15.94 4.15
CA HIS C 76 -11.30 15.17 3.66
C HIS C 76 -12.47 16.05 3.25
N SER C 77 -12.38 17.36 3.43
CA SER C 77 -13.42 18.24 2.91
C SER C 77 -13.24 18.59 1.42
N LEU C 78 -12.16 18.15 0.78
CA LEU C 78 -12.00 18.40 -0.65
C LEU C 78 -13.04 17.65 -1.47
N THR C 79 -13.55 18.29 -2.51
CA THR C 79 -14.41 17.58 -3.44
C THR C 79 -13.61 16.50 -4.16
N GLN C 80 -14.33 15.50 -4.68
CA GLN C 80 -13.73 14.56 -5.59
C GLN C 80 -12.97 15.28 -6.71
N SER C 81 -13.55 16.34 -7.27
CA SER C 81 -12.92 17.04 -8.40
C SER C 81 -11.60 17.66 -7.98
N GLN C 82 -11.56 18.28 -6.80
CA GLN C 82 -10.33 18.85 -6.28
C GLN C 82 -9.28 17.78 -6.02
N PHE C 83 -9.72 16.66 -5.43
CA PHE C 83 -8.84 15.53 -5.23
C PHE C 83 -8.28 15.03 -6.56
N ASP C 84 -9.15 14.86 -7.56
CA ASP C 84 -8.69 14.48 -8.89
C ASP C 84 -7.61 15.43 -9.40
N ALA C 85 -7.87 16.73 -9.31
CA ALA C 85 -6.92 17.71 -9.84
C ALA C 85 -5.56 17.59 -9.17
N VAL C 86 -5.54 17.43 -7.84
CA VAL C 86 -4.26 17.30 -7.17
C VAL C 86 -3.57 15.99 -7.56
N CYS C 87 -4.34 14.90 -7.70
CA CYS C 87 -3.74 13.65 -8.17
C CYS C 87 -3.04 13.85 -9.50
N ASP C 88 -3.68 14.55 -10.43
CA ASP C 88 -3.00 14.83 -11.70
C ASP C 88 -1.72 15.64 -11.47
N LEU C 89 -1.76 16.61 -10.57
CA LEU C 89 -0.57 17.38 -10.25
C LEU C 89 0.53 16.48 -9.69
N VAL C 90 0.21 15.69 -8.64
CA VAL C 90 1.21 14.84 -8.00
C VAL C 90 1.74 13.80 -8.97
N TYR C 91 0.86 13.19 -9.78
CA TYR C 91 1.33 12.21 -10.76
C TYR C 91 2.24 12.84 -11.79
N ASN C 92 1.91 14.05 -12.21
CA ASN C 92 2.68 14.71 -13.25
C ASN C 92 3.96 15.38 -12.71
N ALA C 93 3.92 15.92 -11.49
CA ALA C 93 5.08 16.65 -10.97
C ALA C 93 5.89 15.86 -9.97
N GLY C 94 5.28 14.92 -9.24
CA GLY C 94 5.92 14.16 -8.21
C GLY C 94 5.44 14.58 -6.83
N ALA C 95 5.56 13.65 -5.88
CA ALA C 95 5.04 13.89 -4.54
C ALA C 95 5.73 15.05 -3.81
N GLY C 96 6.95 15.44 -4.19
CA GLY C 96 7.63 16.55 -3.53
C GLY C 96 6.84 17.85 -3.59
N VAL C 97 5.98 18.00 -4.59
CA VAL C 97 5.20 19.21 -4.77
C VAL C 97 4.14 19.40 -3.69
N ILE C 98 3.76 18.34 -2.98
CA ILE C 98 2.80 18.46 -1.88
C ILE C 98 3.47 18.16 -0.54
N ALA C 99 4.80 18.19 -0.51
CA ALA C 99 5.53 18.07 0.74
C ALA C 99 4.99 19.04 1.77
N ALA C 100 4.97 18.62 3.04
CA ALA C 100 4.35 19.42 4.09
C ALA C 100 5.09 20.72 4.38
N ALA C 101 6.31 20.89 3.87
CA ALA C 101 7.00 22.18 3.97
C ALA C 101 6.48 23.18 2.95
N THR C 102 5.82 22.72 1.90
CA THR C 102 5.38 23.55 0.79
C THR C 102 4.05 24.23 1.12
N GLY C 103 3.80 25.35 0.42
CA GLY C 103 2.54 26.02 0.59
C GLY C 103 1.39 25.23 0.02
N THR C 104 1.61 24.57 -1.12
CA THR C 104 0.62 23.66 -1.68
C THR C 104 0.27 22.55 -0.68
N GLY C 105 1.30 21.86 -0.18
CA GLY C 105 1.06 20.78 0.76
C GLY C 105 0.35 21.24 2.02
N LYS C 106 0.71 22.42 2.53
CA LYS C 106 0.06 22.90 3.75
C LYS C 106 -1.39 23.25 3.48
N ALA C 107 -1.66 23.95 2.38
CA ALA C 107 -3.04 24.25 2.01
C ALA C 107 -3.81 22.96 1.71
N LEU C 108 -3.15 22.00 1.05
CA LEU C 108 -3.78 20.70 0.79
C LEU C 108 -4.17 20.02 2.09
N ARG C 109 -3.33 20.15 3.12
CA ARG C 109 -3.61 19.48 4.39
C ARG C 109 -4.76 20.14 5.14
N SER C 110 -4.78 21.47 5.17
CA SER C 110 -5.78 22.17 5.97
C SER C 110 -7.13 22.27 5.28
N GLY C 111 -7.21 22.00 3.98
CA GLY C 111 -8.49 22.04 3.28
C GLY C 111 -8.95 23.43 2.89
N ASP C 112 -8.08 24.42 2.97
CA ASP C 112 -8.36 25.76 2.47
C ASP C 112 -8.39 25.71 0.95
N VAL C 113 -9.59 25.67 0.38
CA VAL C 113 -9.72 25.41 -1.05
C VAL C 113 -9.16 26.58 -1.85
N ALA C 114 -9.27 27.81 -1.33
CA ALA C 114 -8.91 28.99 -2.12
C ALA C 114 -7.40 29.10 -2.29
N THR C 115 -6.64 28.88 -1.21
CA THR C 115 -5.18 28.86 -1.32
C THR C 115 -4.73 27.73 -2.21
N LEU C 116 -5.30 26.54 -1.99
CA LEU C 116 -4.97 25.38 -2.81
C LEU C 116 -5.16 25.68 -4.30
N ARG C 117 -6.31 26.26 -4.65
CA ARG C 117 -6.55 26.59 -6.06
C ARG C 117 -5.54 27.60 -6.56
N ALA C 118 -5.17 28.56 -5.71
CA ALA C 118 -4.21 29.58 -6.13
C ALA C 118 -2.81 28.99 -6.26
N LYS C 119 -2.42 28.08 -5.37
CA LYS C 119 -1.12 27.44 -5.54
C LYS C 119 -1.12 26.49 -6.73
N LEU C 120 -2.26 25.82 -6.99
CA LEU C 120 -2.36 24.99 -8.18
C LEU C 120 -2.10 25.82 -9.43
N ALA C 121 -2.65 27.04 -9.48
CA ALA C 121 -2.53 27.86 -10.68
C ALA C 121 -1.10 28.21 -11.03
N LEU C 122 -0.14 28.03 -10.11
CA LEU C 122 1.21 28.56 -10.28
C LEU C 122 2.22 27.53 -10.77
N PHE C 123 1.82 26.27 -10.98
CA PHE C 123 2.74 25.27 -11.48
C PHE C 123 2.87 25.33 -13.01
N ILE C 124 3.22 26.51 -13.53
CA ILE C 124 3.32 26.72 -14.97
C ILE C 124 4.75 26.70 -15.45
N ASN C 125 5.72 26.57 -14.56
CA ASN C 125 7.13 26.70 -14.90
C ASN C 125 7.80 25.33 -14.96
N GLN C 126 8.85 25.28 -15.78
CA GLN C 126 9.77 24.15 -15.80
C GLN C 126 11.16 24.74 -15.94
N ASN C 127 11.98 24.56 -14.90
CA ASN C 127 13.35 25.06 -14.86
C ASN C 127 13.41 26.57 -15.11
N GLY C 128 12.71 27.30 -14.26
CA GLY C 128 12.84 28.74 -14.20
C GLY C 128 12.15 29.53 -15.29
N LYS C 129 11.34 28.89 -16.13
CA LYS C 129 10.63 29.62 -17.16
C LYS C 129 9.27 28.98 -17.38
N PRO C 130 8.27 29.77 -17.78
CA PRO C 130 6.97 29.19 -18.12
C PRO C 130 7.02 28.37 -19.40
N LEU C 131 6.39 27.20 -19.36
CA LEU C 131 6.23 26.33 -20.52
C LEU C 131 4.77 26.39 -20.94
N LEU C 132 4.52 26.62 -22.23
CA LEU C 132 3.14 26.75 -22.70
C LEU C 132 2.34 25.47 -22.42
N GLY C 133 2.91 24.31 -22.77
CA GLY C 133 2.26 23.05 -22.45
C GLY C 133 1.89 22.92 -20.98
N LEU C 134 2.71 23.48 -20.09
CA LEU C 134 2.42 23.39 -18.67
C LEU C 134 1.41 24.44 -18.22
N ARG C 135 1.31 25.56 -18.94
CA ARG C 135 0.21 26.49 -18.70
C ARG C 135 -1.11 25.87 -19.10
N ARG C 136 -1.11 25.15 -20.23
CA ARG C 136 -2.33 24.54 -20.74
C ARG C 136 -2.81 23.44 -19.80
N ARG C 137 -1.94 22.47 -19.51
CA ARG C 137 -2.24 21.46 -18.51
C ARG C 137 -2.75 22.08 -17.22
N THR C 138 -2.08 23.13 -16.72
CA THR C 138 -2.48 23.73 -15.45
C THR C 138 -3.83 24.43 -15.54
N ALA C 139 -4.06 25.19 -16.62
CA ALA C 139 -5.37 25.77 -16.83
C ALA C 139 -6.44 24.69 -16.89
N GLY C 140 -6.12 23.56 -17.53
CA GLY C 140 -7.07 22.46 -17.56
C GLY C 140 -7.28 21.85 -16.18
N ARG C 141 -6.20 21.74 -15.41
CA ARG C 141 -6.30 21.27 -14.04
C ARG C 141 -7.26 22.14 -13.19
N LEU C 142 -7.26 23.46 -13.39
CA LEU C 142 -8.13 24.31 -12.57
C LEU C 142 -9.59 24.10 -12.94
N ALA C 143 -9.89 24.07 -14.25
CA ALA C 143 -11.23 23.72 -14.69
C ALA C 143 -11.66 22.37 -14.13
N LEU C 144 -10.73 21.42 -14.02
CA LEU C 144 -11.03 20.13 -13.40
C LEU C 144 -11.20 20.30 -11.90
N PHE C 145 -10.29 21.04 -11.27
CA PHE C 145 -10.43 21.38 -9.86
C PHE C 145 -11.81 21.97 -9.57
N ASP C 146 -12.30 22.80 -10.48
CA ASP C 146 -13.54 23.53 -10.25
C ASP C 146 -14.77 22.65 -10.39
N GLY C 147 -14.66 21.51 -11.06
CA GLY C 147 -15.80 20.59 -11.17
C GLY C 147 -16.21 20.30 -12.61
N LYS C 148 -15.48 20.77 -13.59
CA LYS C 148 -15.92 20.65 -14.97
C LYS C 148 -15.64 19.25 -15.52
N PRO C 149 -16.42 18.83 -16.50
CA PRO C 149 -16.11 17.56 -17.18
C PRO C 149 -14.74 17.62 -17.80
N TRP C 150 -14.08 16.45 -17.87
CA TRP C 150 -12.74 16.42 -18.45
C TRP C 150 -12.71 16.99 -19.86
N GLN C 151 -13.78 16.81 -20.64
CA GLN C 151 -13.79 17.33 -22.01
C GLN C 151 -13.69 18.85 -22.01
N GLU C 152 -14.41 19.50 -21.09
CA GLU C 152 -14.35 20.94 -20.98
C GLU C 152 -13.02 21.38 -20.36
N ALA C 153 -12.55 20.64 -19.35
CA ALA C 153 -11.28 21.01 -18.75
C ALA C 153 -10.14 20.95 -19.77
N GLU C 154 -10.15 19.94 -20.66
CA GLU C 154 -9.11 19.86 -21.67
C GLU C 154 -9.21 21.01 -22.67
N ALA C 155 -10.42 21.32 -23.13
CA ALA C 155 -10.58 22.39 -24.12
C ALA C 155 -10.21 23.75 -23.55
N ILE C 156 -10.49 24.01 -22.26
CA ILE C 156 -10.11 25.28 -21.65
C ILE C 156 -8.59 25.38 -21.55
N GLY C 157 -7.92 24.26 -21.29
CA GLY C 157 -6.47 24.27 -21.19
C GLY C 157 -5.80 24.46 -22.53
N ARG C 158 -6.31 23.80 -23.57
CA ARG C 158 -5.71 23.93 -24.90
C ARG C 158 -6.04 25.26 -25.58
N ALA C 159 -7.06 25.98 -25.11
CA ALA C 159 -7.41 27.28 -25.67
C ALA C 159 -6.51 28.39 -25.16
N VAL C 160 -5.71 28.14 -24.12
CA VAL C 160 -4.72 29.11 -23.67
C VAL C 160 -3.65 29.27 -24.75
N LYS C 161 -3.43 30.50 -25.19
CA LYS C 161 -2.45 30.75 -26.26
C LYS C 161 -1.39 31.75 -25.83
#